data_1P8L
#
_entry.id   1P8L
#
_cell.length_a   91.059
_cell.length_b   60.574
_cell.length_c   70.268
_cell.angle_alpha   90.00
_cell.angle_beta   90.00
_cell.angle_gamma   90.00
#
_symmetry.space_group_name_H-M   'P 21 21 2'
#
loop_
_entity.id
_entity.type
_entity.pdbx_description
1 polymer 'PBCV-1 DNA ligase'
2 non-polymer 'ADENOSINE MONOPHOSPHATE'
3 water water
#
_entity_poly.entity_id   1
_entity_poly.type   'polypeptide(L)'
_entity_poly.pdbx_seq_one_letter_code
;HHHHHHMAITKPLLAATLENIEDVQFPCLATPKIDGIRSVKQTQMLSRTFKPIRNSVMNRLLTELLPEGSDGEISIEGAT
FQDTTSAVMTGHKMYNAKFSYYWFDYVTDDPLKKYIDRVEDMKNYITVHPHILEHAQVKIIPLIPVEINNITELLQYERD
VLSKGFEGVMIRKPDGKYKFGRSTLKEGILLKMKQFKDAEATIISMTALFKNTNTKTKDNFGYSKRSTHKSGKVEEDVMG
SIEVDYDGVVFSIGTGFDADQRRDFWQNKESYIGKMVKFKYFEMGSKDCPRFPVFIGIRHEEDR
;
_entity_poly.pdbx_strand_id   A
#
loop_
_chem_comp.id
_chem_comp.type
_chem_comp.name
_chem_comp.formula
AMP non-polymer 'ADENOSINE MONOPHOSPHATE' 'C10 H14 N5 O7 P'
#
# COMPACT_ATOMS: atom_id res chain seq x y z
N ALA A 8 0.11 26.89 1.83
CA ALA A 8 1.57 26.56 1.75
C ALA A 8 1.78 25.15 2.27
N ILE A 9 2.83 24.51 1.77
CA ILE A 9 3.41 23.32 2.39
C ILE A 9 4.92 23.53 2.24
N THR A 10 5.62 23.84 3.32
CA THR A 10 7.04 24.21 3.21
C THR A 10 8.03 23.02 3.13
N LYS A 11 7.95 22.10 4.09
CA LYS A 11 8.78 20.90 4.05
C LYS A 11 7.83 19.70 3.97
N PRO A 12 8.24 18.58 3.35
CA PRO A 12 7.32 17.44 3.16
C PRO A 12 7.05 16.70 4.48
N LEU A 13 5.95 15.95 4.53
CA LEU A 13 5.56 15.19 5.72
C LEU A 13 6.23 13.83 5.79
N LEU A 14 7.44 13.79 6.33
CA LEU A 14 8.16 12.52 6.45
C LEU A 14 7.59 11.74 7.62
N ALA A 15 7.63 10.41 7.48
CA ALA A 15 7.11 9.47 8.46
C ALA A 15 8.24 8.92 9.33
N ALA A 16 7.87 8.30 10.45
CA ALA A 16 8.81 7.63 11.34
C ALA A 16 8.37 6.21 11.47
N THR A 17 9.30 5.32 11.78
CA THR A 17 9.06 3.89 11.71
C THR A 17 8.78 3.26 13.08
N LEU A 18 7.93 2.24 13.08
CA LEU A 18 7.58 1.47 14.29
C LEU A 18 8.60 0.38 14.67
N GLU A 19 9.14 0.47 15.88
CA GLU A 19 9.93 -0.63 16.44
C GLU A 19 9.04 -1.57 17.25
N ASN A 20 7.92 -1.03 17.73
CA ASN A 20 6.92 -1.82 18.45
C ASN A 20 5.54 -1.70 17.80
N ILE A 21 4.74 -2.75 17.92
CA ILE A 21 3.44 -2.82 17.27
C ILE A 21 2.27 -2.43 18.20
N GLU A 22 2.27 -2.96 19.43
CA GLU A 22 1.34 -2.52 20.45
C GLU A 22 1.75 -1.13 20.91
N ASP A 23 2.17 -0.30 19.96
CA ASP A 23 2.74 1.02 20.23
C ASP A 23 1.87 2.17 19.66
N VAL A 24 0.62 1.85 19.30
CA VAL A 24 -0.27 2.77 18.57
C VAL A 24 -1.55 3.19 19.35
N GLN A 25 -1.80 4.50 19.42
CA GLN A 25 -3.00 5.07 20.06
C GLN A 25 -4.28 4.67 19.33
N PHE A 26 -5.42 4.55 20.04
CA PHE A 26 -6.59 4.09 19.29
C PHE A 26 -7.45 5.10 18.51
N PRO A 27 -8.78 4.90 18.49
CA PRO A 27 -9.55 4.95 17.25
C PRO A 27 -8.83 5.57 16.03
N CYS A 28 -7.68 5.00 15.65
CA CYS A 28 -6.77 5.56 14.62
C CYS A 28 -7.14 5.22 13.15
N LEU A 29 -6.57 5.96 12.18
CA LEU A 29 -6.89 5.78 10.76
C LEU A 29 -5.68 5.37 9.93
N ALA A 30 -5.90 4.50 8.93
CA ALA A 30 -4.79 3.83 8.22
C ALA A 30 -5.00 3.59 6.72
N THR A 31 -3.89 3.52 5.99
CA THR A 31 -3.84 3.37 4.53
C THR A 31 -2.63 2.54 4.12
N PRO A 32 -2.59 2.15 2.84
CA PRO A 32 -1.45 1.40 2.30
C PRO A 32 -0.27 2.29 1.83
N LYS A 33 0.94 1.94 2.30
CA LYS A 33 2.19 2.54 1.85
C LYS A 33 2.50 2.31 0.36
N ILE A 34 2.87 3.40 -0.31
CA ILE A 34 3.13 3.40 -1.74
C ILE A 34 4.62 3.37 -2.04
N ASP A 35 4.95 2.59 -3.06
CA ASP A 35 6.33 2.35 -3.32
C ASP A 35 6.75 3.14 -4.55
N GLY A 36 6.80 4.46 -4.37
CA GLY A 36 7.12 5.34 -5.48
C GLY A 36 7.70 6.71 -5.14
N ILE A 37 7.57 7.62 -6.10
CA ILE A 37 8.20 8.92 -6.05
C ILE A 37 7.28 10.02 -5.48
N ARG A 38 7.66 10.52 -4.31
CA ARG A 38 6.89 11.57 -3.59
C ARG A 38 6.76 12.86 -4.37
N SER A 39 5.54 13.38 -4.46
CA SER A 39 5.30 14.64 -5.19
C SER A 39 4.14 15.52 -4.64
N VAL A 40 4.40 16.81 -4.44
CA VAL A 40 3.40 17.68 -3.84
C VAL A 40 3.07 18.82 -4.79
N LYS A 41 1.82 19.28 -4.82
CA LYS A 41 1.46 20.39 -5.70
C LYS A 41 1.50 21.81 -5.05
N GLN A 42 2.46 22.60 -5.49
CA GLN A 42 2.59 24.00 -5.11
C GLN A 42 2.87 24.68 -6.42
N THR A 43 1.87 25.41 -6.92
CA THR A 43 1.80 25.81 -8.33
C THR A 43 1.96 24.58 -9.24
N GLN A 44 3.20 24.13 -9.44
CA GLN A 44 3.43 22.89 -10.19
C GLN A 44 3.70 21.74 -9.23
N MET A 45 4.16 20.61 -9.75
CA MET A 45 4.44 19.44 -8.92
C MET A 45 5.89 19.45 -8.45
N LEU A 46 6.14 19.06 -7.20
CA LEU A 46 7.49 19.06 -6.64
C LEU A 46 8.00 17.67 -6.18
N SER A 47 9.33 17.50 -6.06
CA SER A 47 9.93 16.25 -5.55
C SER A 47 9.90 16.36 -4.01
N ARG A 48 10.35 15.32 -3.30
CA ARG A 48 10.53 15.47 -1.83
C ARG A 48 11.36 16.72 -1.51
N THR A 49 12.34 16.98 -2.37
CA THR A 49 13.32 18.05 -2.16
C THR A 49 12.86 19.35 -2.80
N PHE A 50 11.62 19.38 -3.29
CA PHE A 50 10.95 20.62 -3.71
C PHE A 50 11.46 21.35 -4.97
N LYS A 51 12.29 20.67 -5.73
CA LYS A 51 12.52 21.08 -7.12
C LYS A 51 11.37 20.46 -7.92
N PRO A 52 11.10 20.99 -9.12
CA PRO A 52 9.92 20.55 -9.87
C PRO A 52 10.04 19.11 -10.25
N ILE A 53 8.92 18.55 -10.62
CA ILE A 53 8.93 17.22 -11.21
C ILE A 53 9.55 17.40 -12.57
N ARG A 54 10.61 16.64 -12.84
CA ARG A 54 11.33 16.84 -14.08
C ARG A 54 10.61 16.27 -15.29
N ASN A 55 9.82 15.22 -15.11
CA ASN A 55 8.99 14.77 -16.22
C ASN A 55 7.84 15.76 -16.35
N SER A 56 7.98 16.69 -17.30
CA SER A 56 7.05 17.82 -17.42
C SER A 56 5.61 17.42 -17.73
N VAL A 57 5.46 16.29 -18.43
CA VAL A 57 4.16 15.75 -18.79
C VAL A 57 3.49 15.24 -17.53
N MET A 58 4.30 14.67 -16.64
CA MET A 58 3.80 14.28 -15.32
C MET A 58 3.44 15.56 -14.57
N ASN A 59 4.37 16.50 -14.54
CA ASN A 59 4.16 17.74 -13.83
C ASN A 59 2.89 18.42 -14.32
N ARG A 60 2.74 18.48 -15.64
CA ARG A 60 1.60 19.14 -16.28
C ARG A 60 0.27 18.49 -15.92
N LEU A 61 0.15 17.20 -16.28
CA LEU A 61 -1.10 16.48 -16.15
C LEU A 61 -1.54 16.37 -14.69
N LEU A 62 -0.58 16.26 -13.77
CA LEU A 62 -0.96 16.31 -12.36
C LEU A 62 -1.49 17.70 -11.96
N THR A 63 -0.63 18.73 -11.94
CA THR A 63 -1.06 20.09 -11.54
C THR A 63 -2.47 20.41 -12.04
N GLU A 64 -2.82 19.81 -13.17
CA GLU A 64 -4.03 20.13 -13.91
C GLU A 64 -5.19 19.29 -13.44
N LEU A 65 -4.91 18.17 -12.76
CA LEU A 65 -5.96 17.37 -12.13
C LEU A 65 -6.02 17.69 -10.65
N LEU A 66 -4.96 17.34 -9.92
CA LEU A 66 -4.89 17.60 -8.48
C LEU A 66 -5.15 19.06 -8.15
N PRO A 67 -5.78 19.31 -7.00
CA PRO A 67 -5.86 20.65 -6.42
C PRO A 67 -4.58 21.03 -5.71
N GLU A 68 -4.43 22.33 -5.47
CA GLU A 68 -3.29 22.87 -4.75
C GLU A 68 -3.23 22.25 -3.36
N GLY A 69 -2.12 21.64 -3.03
CA GLY A 69 -1.91 21.20 -1.68
C GLY A 69 -1.88 19.70 -1.56
N SER A 70 -2.16 19.00 -2.66
CA SER A 70 -2.31 17.56 -2.63
C SER A 70 -0.93 16.92 -2.35
N ASP A 71 -0.90 15.95 -1.44
CA ASP A 71 0.33 15.24 -1.17
C ASP A 71 0.12 13.80 -1.52
N GLY A 72 1.12 13.23 -2.18
CA GLY A 72 1.03 11.90 -2.74
C GLY A 72 2.29 11.34 -3.37
N GLU A 73 2.09 10.36 -4.23
CA GLU A 73 3.20 9.62 -4.75
C GLU A 73 2.87 9.19 -6.15
N ILE A 74 3.73 9.60 -7.06
CA ILE A 74 3.78 9.05 -8.41
C ILE A 74 4.21 7.62 -8.31
N SER A 75 3.55 6.73 -9.03
CA SER A 75 4.09 5.40 -9.31
C SER A 75 3.56 4.90 -10.63
N ILE A 76 4.29 3.95 -11.21
CA ILE A 76 3.83 3.26 -12.41
C ILE A 76 3.33 1.88 -12.00
N GLU A 77 2.07 1.60 -12.34
CA GLU A 77 1.40 0.38 -11.91
C GLU A 77 2.12 -0.79 -12.55
N GLY A 78 2.84 -1.53 -11.72
CA GLY A 78 3.51 -2.72 -12.17
C GLY A 78 4.78 -2.43 -12.94
N ALA A 79 5.60 -1.54 -12.40
CA ALA A 79 7.00 -1.44 -12.83
C ALA A 79 7.91 -1.34 -11.60
N THR A 80 9.21 -1.60 -11.77
CA THR A 80 10.21 -1.56 -10.69
C THR A 80 10.27 -0.18 -10.09
N PHE A 81 10.66 -0.06 -8.83
CA PHE A 81 10.78 1.24 -8.19
C PHE A 81 11.91 2.07 -8.80
N GLN A 82 12.78 1.44 -9.60
CA GLN A 82 13.88 2.19 -10.21
C GLN A 82 13.69 2.58 -11.70
N ASP A 83 12.85 1.86 -12.44
CA ASP A 83 12.38 2.33 -13.74
C ASP A 83 11.29 3.43 -13.61
N THR A 84 10.46 3.30 -12.58
CA THR A 84 9.45 4.30 -12.29
C THR A 84 10.12 5.60 -11.83
N THR A 85 11.40 5.52 -11.49
CA THR A 85 12.19 6.74 -11.28
C THR A 85 12.53 7.36 -12.64
N SER A 86 13.13 6.55 -13.51
CA SER A 86 13.51 6.97 -14.85
C SER A 86 12.39 7.66 -15.59
N ALA A 87 11.18 7.21 -15.38
CA ALA A 87 10.05 7.91 -15.96
C ALA A 87 9.89 9.24 -15.28
N VAL A 88 10.07 9.31 -13.97
CA VAL A 88 9.77 10.56 -13.28
C VAL A 88 10.97 11.46 -13.13
N MET A 89 12.13 10.86 -12.90
CA MET A 89 13.29 11.69 -12.59
C MET A 89 14.05 12.17 -13.85
N THR A 90 13.51 11.84 -15.02
CA THR A 90 14.01 12.35 -16.30
C THR A 90 13.03 13.33 -16.99
N GLY A 91 13.50 14.54 -17.29
CA GLY A 91 12.70 15.50 -18.03
C GLY A 91 12.29 15.07 -19.44
N HIS A 92 11.08 14.53 -19.55
CA HIS A 92 10.50 14.19 -20.85
C HIS A 92 9.55 15.27 -21.38
N LYS A 93 9.81 15.72 -22.60
CA LYS A 93 8.91 16.63 -23.30
C LYS A 93 7.69 15.85 -23.81
N MET A 94 7.91 14.62 -24.23
CA MET A 94 6.81 13.83 -24.76
C MET A 94 6.67 12.45 -24.15
N TYR A 95 6.31 12.39 -22.89
CA TYR A 95 5.87 11.13 -22.29
C TYR A 95 4.54 10.76 -22.89
N ASN A 96 4.24 9.46 -22.88
CA ASN A 96 2.98 8.94 -23.37
C ASN A 96 2.56 7.64 -22.70
N ALA A 97 3.36 7.20 -21.72
CA ALA A 97 3.04 5.96 -21.00
C ALA A 97 2.06 6.20 -19.85
N LYS A 98 1.37 5.13 -19.46
CA LYS A 98 0.39 5.20 -18.38
C LYS A 98 1.09 5.06 -17.02
N PHE A 99 0.59 5.86 -16.08
CA PHE A 99 1.11 5.88 -14.72
C PHE A 99 -0.01 6.30 -13.76
N SER A 100 0.24 6.16 -12.46
CA SER A 100 -0.75 6.58 -11.45
C SER A 100 -0.20 7.36 -10.24
N TYR A 101 -1.00 8.29 -9.70
CA TYR A 101 -0.64 9.10 -8.53
C TYR A 101 -1.50 8.80 -7.33
N TYR A 102 -0.86 8.56 -6.18
CA TYR A 102 -1.56 8.28 -4.92
C TYR A 102 -1.67 9.51 -4.05
N TRP A 103 -2.93 9.88 -3.81
CA TRP A 103 -3.31 11.05 -3.04
C TRP A 103 -3.64 10.58 -1.64
N PHE A 104 -2.86 11.06 -0.68
CA PHE A 104 -3.02 10.62 0.70
C PHE A 104 -3.10 11.78 1.71
N ASP A 105 -2.81 12.99 1.26
CA ASP A 105 -3.10 14.16 2.09
C ASP A 105 -3.59 15.33 1.23
N TYR A 106 -4.24 16.30 1.86
CA TYR A 106 -4.67 17.49 1.15
C TYR A 106 -4.81 18.71 2.10
N VAL A 107 -4.18 19.84 1.74
CA VAL A 107 -3.87 20.89 2.71
C VAL A 107 -4.81 22.12 2.67
N THR A 108 -5.32 22.47 1.48
CA THR A 108 -6.40 23.47 1.36
C THR A 108 -5.82 24.82 1.71
N ASP A 109 -5.45 24.99 2.99
CA ASP A 109 -4.86 26.24 3.47
C ASP A 109 -4.08 26.03 4.77
N ASP A 110 -4.76 26.30 5.89
CA ASP A 110 -4.29 25.93 7.23
C ASP A 110 -3.80 24.44 7.33
N PRO A 111 -2.52 24.26 7.68
CA PRO A 111 -1.96 22.93 7.93
C PRO A 111 -2.20 22.49 9.37
N LEU A 112 -2.68 23.40 10.23
CA LEU A 112 -3.02 23.03 11.61
C LEU A 112 -4.34 22.26 11.77
N LYS A 113 -5.14 22.18 10.70
CA LYS A 113 -6.36 21.38 10.76
C LYS A 113 -6.06 19.89 10.83
N LYS A 114 -7.07 19.11 11.22
CA LYS A 114 -6.95 17.67 11.51
C LYS A 114 -6.92 16.78 10.26
N TYR A 115 -6.21 15.67 10.33
CA TYR A 115 -6.23 14.70 9.24
C TYR A 115 -7.66 14.29 8.85
N ILE A 116 -8.53 13.90 9.80
CA ILE A 116 -9.93 13.55 9.49
C ILE A 116 -10.58 14.55 8.54
N ASP A 117 -10.40 15.83 8.87
CA ASP A 117 -10.95 16.95 8.14
C ASP A 117 -10.25 17.17 6.81
N ARG A 118 -8.94 16.89 6.80
CA ARG A 118 -8.16 17.06 5.61
C ARG A 118 -8.64 16.05 4.60
N VAL A 119 -8.86 14.84 5.10
CA VAL A 119 -9.37 13.72 4.30
C VAL A 119 -10.75 14.05 3.76
N GLU A 120 -11.59 14.68 4.58
CA GLU A 120 -12.90 15.08 4.10
C GLU A 120 -12.85 16.12 2.96
N ASP A 121 -11.96 17.13 3.07
CA ASP A 121 -11.72 18.12 1.98
C ASP A 121 -11.40 17.37 0.72
N MET A 122 -10.67 16.28 0.92
CA MET A 122 -10.18 15.40 -0.10
C MET A 122 -11.35 14.69 -0.73
N LYS A 123 -12.12 13.98 0.11
CA LYS A 123 -13.37 13.32 -0.28
C LYS A 123 -14.33 14.22 -1.02
N ASN A 124 -14.49 15.44 -0.52
CA ASN A 124 -15.41 16.37 -1.12
C ASN A 124 -14.96 16.83 -2.49
N TYR A 125 -13.74 17.35 -2.56
CA TYR A 125 -13.13 17.77 -3.81
C TYR A 125 -13.24 16.69 -4.92
N ILE A 126 -13.13 15.42 -4.53
CA ILE A 126 -13.34 14.31 -5.46
C ILE A 126 -14.79 14.22 -5.94
N THR A 127 -15.73 14.36 -5.00
CA THR A 127 -17.12 14.28 -5.41
C THR A 127 -17.48 15.52 -6.23
N VAL A 128 -16.71 16.60 -6.08
CA VAL A 128 -16.97 17.85 -6.80
C VAL A 128 -16.28 17.84 -8.18
N HIS A 129 -15.21 17.06 -8.29
CA HIS A 129 -14.45 17.03 -9.51
C HIS A 129 -14.19 15.57 -9.93
N PRO A 130 -15.25 14.82 -10.18
CA PRO A 130 -15.13 13.38 -10.29
C PRO A 130 -14.28 12.92 -11.49
N HIS A 131 -13.96 13.83 -12.41
CA HIS A 131 -13.14 13.45 -13.56
C HIS A 131 -11.71 13.17 -13.10
N ILE A 132 -11.25 13.93 -12.11
CA ILE A 132 -9.99 13.66 -11.41
C ILE A 132 -9.62 12.17 -11.44
N LEU A 133 -10.62 11.28 -11.33
CA LEU A 133 -10.39 9.84 -11.22
C LEU A 133 -10.40 9.11 -12.56
N GLU A 134 -10.97 9.77 -13.57
CA GLU A 134 -11.29 9.16 -14.88
C GLU A 134 -10.34 9.52 -16.04
N HIS A 135 -9.12 9.98 -15.74
CA HIS A 135 -8.20 10.42 -16.81
C HIS A 135 -7.63 9.31 -17.70
N ALA A 136 -7.64 9.55 -19.01
CA ALA A 136 -7.06 8.64 -19.98
C ALA A 136 -5.60 8.24 -19.69
N GLN A 137 -4.75 9.17 -19.26
CA GLN A 137 -3.34 8.83 -19.00
C GLN A 137 -2.99 8.71 -17.53
N VAL A 138 -3.39 9.69 -16.73
CA VAL A 138 -3.08 9.66 -15.31
C VAL A 138 -4.20 9.10 -14.42
N LYS A 139 -3.89 8.02 -13.71
CA LYS A 139 -4.82 7.47 -12.74
C LYS A 139 -4.56 8.13 -11.39
N ILE A 140 -5.49 8.97 -10.95
CA ILE A 140 -5.45 9.41 -9.57
C ILE A 140 -6.10 8.33 -8.70
N ILE A 141 -5.53 8.11 -7.54
CA ILE A 141 -6.02 7.12 -6.61
C ILE A 141 -6.00 7.77 -5.23
N PRO A 142 -7.18 8.11 -4.69
CA PRO A 142 -7.29 8.70 -3.35
C PRO A 142 -7.30 7.63 -2.21
N LEU A 143 -6.33 7.74 -1.30
CA LEU A 143 -6.27 6.81 -0.18
C LEU A 143 -7.08 7.37 0.99
N ILE A 144 -8.34 6.93 1.08
CA ILE A 144 -9.17 7.32 2.20
C ILE A 144 -9.00 6.31 3.31
N PRO A 145 -8.46 6.77 4.45
CA PRO A 145 -7.92 5.88 5.46
C PRO A 145 -9.10 5.13 6.05
N VAL A 146 -8.97 3.83 6.26
CA VAL A 146 -10.09 3.14 6.87
C VAL A 146 -9.88 3.22 8.37
N GLU A 147 -10.94 2.96 9.13
CA GLU A 147 -10.90 3.16 10.58
C GLU A 147 -10.23 1.94 11.17
N ILE A 148 -9.64 2.08 12.36
CA ILE A 148 -9.21 0.93 13.17
C ILE A 148 -9.60 1.04 14.67
N ASN A 149 -9.77 -0.10 15.33
CA ASN A 149 -10.15 -0.07 16.73
C ASN A 149 -9.47 -1.07 17.62
N ASN A 150 -8.95 -2.15 17.05
CA ASN A 150 -8.22 -3.20 17.78
C ASN A 150 -6.81 -3.35 17.23
N ILE A 151 -5.89 -3.85 18.05
CA ILE A 151 -4.62 -4.39 17.53
C ILE A 151 -4.88 -5.54 16.51
N THR A 152 -5.92 -6.33 16.80
CA THR A 152 -6.46 -7.34 15.88
C THR A 152 -6.83 -6.66 14.57
N GLU A 153 -7.55 -5.53 14.68
CA GLU A 153 -8.03 -4.85 13.52
C GLU A 153 -6.90 -4.27 12.67
N LEU A 154 -5.75 -3.99 13.30
CA LEU A 154 -4.64 -3.40 12.56
C LEU A 154 -3.94 -4.48 11.78
N LEU A 155 -3.45 -5.48 12.51
CA LEU A 155 -2.72 -6.57 11.90
C LEU A 155 -3.45 -7.10 10.67
N GLN A 156 -4.79 -7.17 10.78
CA GLN A 156 -5.65 -7.55 9.67
C GLN A 156 -5.43 -6.57 8.50
N TYR A 157 -5.45 -5.27 8.77
CA TYR A 157 -5.19 -4.31 7.72
C TYR A 157 -3.89 -4.61 7.00
N GLU A 158 -2.81 -4.83 7.74
CA GLU A 158 -1.53 -5.20 7.12
C GLU A 158 -1.63 -6.47 6.27
N ARG A 159 -2.26 -7.53 6.79
CA ARG A 159 -2.45 -8.70 5.96
C ARG A 159 -3.17 -8.34 4.66
N ASP A 160 -4.31 -7.67 4.84
CA ASP A 160 -5.15 -7.16 3.76
C ASP A 160 -4.32 -6.44 2.72
N VAL A 161 -3.43 -5.57 3.18
CA VAL A 161 -2.63 -4.73 2.32
C VAL A 161 -1.67 -5.54 1.47
N LEU A 162 -0.89 -6.38 2.11
CA LEU A 162 0.14 -7.11 1.41
C LEU A 162 -0.47 -7.92 0.28
N SER A 163 -1.57 -8.62 0.58
CA SER A 163 -2.31 -9.43 -0.41
C SER A 163 -2.68 -8.66 -1.68
N LYS A 164 -3.07 -7.41 -1.50
CA LYS A 164 -3.27 -6.50 -2.62
C LYS A 164 -1.94 -5.97 -3.24
N GLY A 165 -0.79 -6.45 -2.75
CA GLY A 165 0.50 -6.17 -3.36
C GLY A 165 1.08 -4.81 -3.00
N PHE A 166 1.00 -4.49 -1.71
CA PHE A 166 1.59 -3.27 -1.17
C PHE A 166 2.61 -3.66 -0.12
N GLU A 167 3.54 -2.75 0.18
CA GLU A 167 4.69 -3.09 1.01
C GLU A 167 4.40 -3.20 2.51
N GLY A 168 3.45 -2.40 2.98
CA GLY A 168 3.07 -2.36 4.39
C GLY A 168 2.06 -1.26 4.59
N VAL A 169 1.93 -0.78 5.82
CA VAL A 169 0.87 0.18 6.12
C VAL A 169 1.30 1.47 6.87
N MET A 170 0.60 2.57 6.59
CA MET A 170 0.83 3.86 7.25
C MET A 170 -0.26 4.17 8.26
N ILE A 171 0.15 4.61 9.45
CA ILE A 171 -0.78 4.79 10.54
C ILE A 171 -0.82 6.26 10.93
N ARG A 172 -2.04 6.80 10.97
CA ARG A 172 -2.23 8.21 11.25
C ARG A 172 -3.14 8.38 12.45
N LYS A 173 -2.80 9.39 13.25
CA LYS A 173 -3.65 9.90 14.32
C LYS A 173 -4.66 10.80 13.62
N PRO A 174 -5.95 10.55 13.85
CA PRO A 174 -7.04 11.41 13.36
C PRO A 174 -6.84 12.93 13.52
N ASP A 175 -6.64 13.42 14.75
CA ASP A 175 -6.51 14.86 14.98
C ASP A 175 -5.15 15.41 14.53
N GLY A 176 -4.41 14.60 13.78
CA GLY A 176 -3.05 14.91 13.37
C GLY A 176 -2.83 16.12 12.48
N LYS A 177 -1.87 16.97 12.87
CA LYS A 177 -1.40 18.13 12.10
C LYS A 177 -0.68 17.70 10.83
N TYR A 178 -0.57 18.61 9.86
CA TYR A 178 0.37 18.40 8.77
C TYR A 178 1.72 18.89 9.26
N LYS A 179 2.60 17.96 9.63
CA LYS A 179 3.96 18.33 10.07
C LYS A 179 4.89 18.55 8.90
N PHE A 180 5.56 19.71 8.91
CA PHE A 180 6.52 20.06 7.89
C PHE A 180 7.88 19.45 8.21
N GLY A 181 7.97 18.12 8.18
CA GLY A 181 9.20 17.44 8.54
C GLY A 181 8.82 16.07 8.99
N ARG A 182 9.58 15.47 9.91
CA ARG A 182 9.29 14.06 10.31
C ARG A 182 8.54 13.88 11.65
N SER A 183 7.50 13.06 11.58
CA SER A 183 6.75 12.61 12.74
C SER A 183 7.64 11.75 13.67
N THR A 184 7.39 11.86 14.96
CA THR A 184 8.10 11.08 15.96
C THR A 184 7.25 9.89 16.33
N LEU A 185 7.74 9.09 17.27
CA LEU A 185 6.92 8.02 17.83
C LEU A 185 5.65 8.58 18.47
N LYS A 186 5.85 9.55 19.37
CA LYS A 186 4.80 10.00 20.30
C LYS A 186 3.72 10.88 19.67
N GLU A 187 4.11 11.78 18.77
CA GLU A 187 3.17 12.69 18.08
C GLU A 187 2.22 11.91 17.16
N GLY A 188 2.64 10.72 16.77
CA GLY A 188 1.79 9.77 16.06
C GLY A 188 1.06 10.22 14.81
N ILE A 189 1.61 11.17 14.06
CA ILE A 189 0.98 11.51 12.78
C ILE A 189 1.21 10.40 11.73
N LEU A 190 2.43 10.24 11.22
CA LEU A 190 2.73 9.15 10.30
C LEU A 190 3.69 8.19 10.93
N LEU A 191 3.22 6.98 11.10
CA LEU A 191 4.08 5.88 11.45
C LEU A 191 4.13 4.97 10.23
N LYS A 192 5.27 4.29 10.05
CA LYS A 192 5.46 3.24 9.04
C LYS A 192 5.39 1.91 9.75
N MET A 193 4.71 0.95 9.13
CA MET A 193 4.51 -0.37 9.73
C MET A 193 4.93 -1.46 8.75
N LYS A 194 6.04 -2.13 9.05
CA LYS A 194 6.42 -3.34 8.30
C LYS A 194 6.78 -4.45 9.25
N GLN A 195 5.76 -4.91 9.97
CA GLN A 195 5.93 -5.85 11.06
C GLN A 195 5.72 -7.25 10.58
N PHE A 196 5.51 -7.38 9.27
CA PHE A 196 5.21 -8.67 8.67
C PHE A 196 6.46 -9.27 8.00
N LYS A 197 6.73 -10.54 8.33
CA LYS A 197 7.98 -11.25 7.97
C LYS A 197 7.81 -12.06 6.69
N ASP A 198 8.75 -11.95 5.75
CA ASP A 198 8.69 -12.71 4.49
C ASP A 198 9.47 -14.01 4.56
N ALA A 199 8.85 -15.12 4.14
CA ALA A 199 9.42 -16.46 4.30
C ALA A 199 9.10 -17.42 3.12
N GLU A 200 9.89 -18.50 3.03
CA GLU A 200 9.88 -19.46 1.92
C GLU A 200 9.52 -20.86 2.45
N ALA A 201 8.45 -21.45 1.92
CA ALA A 201 7.82 -22.62 2.57
C ALA A 201 7.33 -23.72 1.64
N THR A 202 7.01 -24.87 2.23
CA THR A 202 6.63 -26.06 1.50
C THR A 202 5.15 -26.42 1.77
N ILE A 203 4.40 -26.80 0.72
CA ILE A 203 2.96 -27.10 0.88
C ILE A 203 2.77 -28.58 1.10
N ILE A 204 1.54 -28.99 1.40
CA ILE A 204 1.23 -30.38 1.71
C ILE A 204 -0.19 -30.86 1.39
N SER A 205 -1.18 -29.97 1.44
CA SER A 205 -2.57 -30.31 1.13
C SER A 205 -3.46 -29.09 0.87
N MET A 206 -4.28 -29.17 -0.18
CA MET A 206 -5.22 -28.09 -0.53
C MET A 206 -6.61 -28.35 0.04
N THR A 207 -7.43 -27.31 0.11
CA THR A 207 -8.82 -27.47 0.50
C THR A 207 -9.71 -26.69 -0.43
N ALA A 208 -10.59 -27.44 -1.08
CA ALA A 208 -11.62 -26.91 -1.97
C ALA A 208 -12.27 -25.62 -1.44
N LEU A 209 -12.34 -24.56 -2.26
CA LEU A 209 -12.76 -23.22 -1.81
C LEU A 209 -14.11 -23.14 -1.05
N PHE A 210 -15.21 -23.17 -1.79
CA PHE A 210 -16.51 -23.26 -1.18
C PHE A 210 -17.50 -22.76 -2.14
N LYS A 211 -18.07 -23.71 -2.88
CA LYS A 211 -19.11 -23.39 -3.83
C LYS A 211 -20.43 -23.18 -3.07
N ASN A 212 -21.49 -22.86 -3.80
CA ASN A 212 -22.84 -22.82 -3.23
C ASN A 212 -23.56 -24.13 -3.55
N PHE A 221 -6.09 0.75 -1.80
CA PHE A 221 -7.49 1.04 -2.09
C PHE A 221 -7.76 0.97 -3.59
N GLY A 222 -8.79 0.20 -3.96
CA GLY A 222 -9.25 0.12 -5.33
C GLY A 222 -10.51 0.94 -5.51
N TYR A 223 -10.78 1.40 -6.73
CA TYR A 223 -12.00 2.17 -7.02
C TYR A 223 -13.10 1.42 -7.79
N GLU A 236 -16.41 -28.22 -11.16
CA GLU A 236 -15.04 -28.40 -10.67
C GLU A 236 -14.58 -27.28 -9.71
N ASP A 237 -13.99 -27.66 -8.59
CA ASP A 237 -13.64 -26.68 -7.57
C ASP A 237 -12.35 -25.95 -7.91
N VAL A 238 -11.96 -25.04 -7.03
CA VAL A 238 -10.68 -24.37 -7.09
C VAL A 238 -10.13 -24.34 -5.68
N MET A 239 -8.80 -24.27 -5.54
CA MET A 239 -8.20 -24.31 -4.21
C MET A 239 -8.66 -23.12 -3.44
N GLY A 240 -8.96 -23.35 -2.18
CA GLY A 240 -9.45 -22.28 -1.33
C GLY A 240 -8.42 -21.84 -0.34
N SER A 241 -7.53 -22.74 0.07
CA SER A 241 -6.56 -22.50 1.11
C SER A 241 -5.60 -23.64 1.06
N ILE A 242 -4.32 -23.40 1.26
CA ILE A 242 -3.39 -24.53 1.34
C ILE A 242 -3.15 -24.89 2.79
N GLU A 243 -2.42 -25.98 2.96
CA GLU A 243 -1.76 -26.31 4.23
C GLU A 243 -0.25 -26.34 4.00
N VAL A 244 0.52 -25.78 4.94
CA VAL A 244 1.92 -25.50 4.69
C VAL A 244 2.85 -25.88 5.84
N ASP A 245 4.02 -26.39 5.49
CA ASP A 245 5.10 -26.76 6.42
C ASP A 245 5.84 -25.53 6.97
N TYR A 246 6.90 -25.10 6.28
CA TYR A 246 7.81 -24.05 6.77
C TYR A 246 8.43 -24.43 8.12
N ASP A 247 9.69 -24.87 8.07
CA ASP A 247 10.41 -25.52 9.18
C ASP A 247 9.55 -25.97 10.38
N GLY A 248 9.11 -27.22 10.34
CA GLY A 248 8.43 -27.85 11.46
C GLY A 248 6.92 -27.65 11.57
N VAL A 249 6.46 -26.44 11.26
CA VAL A 249 5.09 -25.99 11.60
C VAL A 249 4.00 -26.33 10.56
N VAL A 250 2.74 -26.44 11.00
CA VAL A 250 1.63 -26.88 10.14
C VAL A 250 0.37 -26.01 10.29
N PHE A 251 0.21 -25.08 9.34
CA PHE A 251 -0.91 -24.14 9.32
C PHE A 251 -1.42 -23.94 7.90
N SER A 252 -2.59 -23.33 7.79
CA SER A 252 -3.22 -23.10 6.51
C SER A 252 -3.03 -21.67 6.04
N ILE A 253 -2.81 -21.49 4.74
CA ILE A 253 -2.89 -20.15 4.12
C ILE A 253 -4.15 -20.11 3.25
N GLY A 254 -5.03 -19.16 3.53
CA GLY A 254 -6.28 -19.07 2.79
C GLY A 254 -6.25 -17.88 1.86
N THR A 255 -5.54 -16.86 2.32
CA THR A 255 -5.59 -15.57 1.67
C THR A 255 -4.26 -15.27 0.99
N GLY A 256 -4.30 -14.68 -0.21
CA GLY A 256 -3.10 -14.40 -0.97
C GLY A 256 -3.18 -14.75 -2.45
N PHE A 257 -3.87 -15.85 -2.75
CA PHE A 257 -4.00 -16.34 -4.12
C PHE A 257 -5.09 -15.66 -4.93
N ASP A 258 -5.14 -15.93 -6.24
CA ASP A 258 -6.25 -15.48 -7.09
C ASP A 258 -6.75 -16.52 -8.12
N ALA A 259 -7.88 -16.21 -8.76
CA ALA A 259 -8.54 -17.12 -9.69
C ALA A 259 -7.65 -17.51 -10.88
N ASP A 260 -6.52 -16.83 -10.99
CA ASP A 260 -5.46 -17.27 -11.88
C ASP A 260 -4.81 -18.43 -11.15
N GLN A 261 -4.37 -18.19 -9.92
CA GLN A 261 -3.60 -19.15 -9.13
C GLN A 261 -4.46 -20.29 -8.55
N ARG A 262 -5.48 -19.93 -7.79
CA ARG A 262 -6.37 -20.91 -7.13
C ARG A 262 -6.85 -21.98 -8.09
N ARG A 263 -7.16 -21.55 -9.31
CA ARG A 263 -7.78 -22.39 -10.34
C ARG A 263 -6.75 -23.25 -11.04
N ASP A 264 -5.47 -23.04 -10.73
CA ASP A 264 -4.39 -23.79 -11.33
C ASP A 264 -3.73 -24.66 -10.26
N PHE A 265 -3.83 -24.24 -9.01
CA PHE A 265 -3.38 -25.05 -7.88
C PHE A 265 -4.22 -26.32 -7.78
N TRP A 266 -5.52 -26.15 -7.89
CA TRP A 266 -6.42 -27.28 -7.70
C TRP A 266 -6.25 -28.30 -8.82
N GLN A 267 -6.30 -27.84 -10.06
CA GLN A 267 -6.20 -28.71 -11.22
C GLN A 267 -4.91 -29.51 -11.23
N ASN A 268 -3.83 -28.94 -10.72
CA ASN A 268 -2.55 -29.64 -10.66
C ASN A 268 -2.02 -29.74 -9.22
N LYS A 269 -2.95 -30.02 -8.30
CA LYS A 269 -2.65 -30.29 -6.89
C LYS A 269 -1.56 -31.35 -6.66
N GLU A 270 -1.66 -32.51 -7.30
CA GLU A 270 -0.65 -33.55 -7.08
C GLU A 270 0.69 -33.21 -7.75
N SER A 271 0.64 -32.27 -8.69
CA SER A 271 1.83 -31.60 -9.25
C SER A 271 2.37 -30.39 -8.46
N TYR A 272 1.66 -29.99 -7.40
CA TYR A 272 2.07 -28.86 -6.53
C TYR A 272 2.52 -29.27 -5.13
N ILE A 273 1.95 -30.33 -4.56
CA ILE A 273 2.34 -30.78 -3.22
C ILE A 273 3.86 -30.79 -3.09
N GLY A 274 4.35 -29.99 -2.15
CA GLY A 274 5.77 -30.02 -1.80
C GLY A 274 6.69 -29.06 -2.53
N LYS A 275 6.19 -28.35 -3.54
CA LYS A 275 6.99 -27.29 -4.18
C LYS A 275 7.02 -26.07 -3.25
N MET A 276 7.79 -25.06 -3.62
CA MET A 276 8.03 -23.97 -2.68
C MET A 276 7.15 -22.73 -2.90
N VAL A 277 6.65 -22.14 -1.81
CA VAL A 277 5.85 -20.93 -1.92
C VAL A 277 6.22 -19.82 -0.93
N LYS A 278 6.50 -18.66 -1.50
CA LYS A 278 6.91 -17.48 -0.80
C LYS A 278 5.67 -16.92 -0.10
N PHE A 279 5.79 -16.66 1.22
CA PHE A 279 4.69 -16.13 2.05
C PHE A 279 5.14 -15.06 3.07
N LYS A 280 4.17 -14.49 3.80
CA LYS A 280 4.37 -13.40 4.75
C LYS A 280 3.45 -13.56 5.98
N TYR A 281 3.94 -13.20 7.17
CA TYR A 281 3.25 -13.50 8.44
C TYR A 281 3.62 -12.59 9.61
N PHE A 282 2.74 -12.59 10.61
CA PHE A 282 3.03 -11.97 11.91
C PHE A 282 3.18 -13.02 12.99
N GLU A 283 4.09 -12.77 13.92
CA GLU A 283 4.36 -13.67 15.05
C GLU A 283 3.66 -13.15 16.31
N MET A 284 2.74 -13.97 16.85
CA MET A 284 1.95 -13.61 18.03
C MET A 284 2.61 -13.99 19.37
N GLY A 285 1.89 -14.74 20.20
CA GLY A 285 2.40 -15.26 21.46
C GLY A 285 3.32 -16.43 21.18
N SER A 286 4.04 -16.87 22.20
CA SER A 286 5.12 -17.85 22.06
C SER A 286 4.69 -19.25 21.59
N LYS A 287 4.19 -19.30 20.35
CA LYS A 287 3.97 -20.56 19.66
C LYS A 287 4.45 -20.39 18.22
N ASP A 288 5.19 -21.37 17.71
CA ASP A 288 5.64 -21.37 16.32
C ASP A 288 4.42 -21.69 15.45
N CYS A 289 3.68 -20.63 15.08
CA CYS A 289 2.41 -20.68 14.33
C CYS A 289 1.89 -19.27 14.06
N PRO A 290 2.16 -18.75 12.88
CA PRO A 290 1.82 -17.36 12.54
C PRO A 290 0.36 -16.93 12.79
N ARG A 291 0.14 -15.61 12.87
CA ARG A 291 -1.20 -15.04 12.71
C ARG A 291 -1.25 -14.59 11.27
N PHE A 292 -2.47 -14.44 10.75
CA PHE A 292 -2.67 -14.09 9.34
C PHE A 292 -1.40 -14.31 8.55
N PRO A 293 -1.27 -15.48 7.94
CA PRO A 293 -0.19 -15.69 6.97
C PRO A 293 -0.70 -15.29 5.58
N VAL A 294 0.19 -14.85 4.69
CA VAL A 294 -0.25 -14.49 3.34
C VAL A 294 0.63 -15.09 2.28
N PHE A 295 0.00 -15.67 1.26
CA PHE A 295 0.73 -16.15 0.11
C PHE A 295 1.22 -14.97 -0.72
N ILE A 296 2.50 -15.05 -1.13
CA ILE A 296 3.14 -14.04 -1.99
C ILE A 296 3.42 -14.59 -3.40
N GLY A 297 4.13 -15.72 -3.49
CA GLY A 297 4.52 -16.24 -4.79
C GLY A 297 4.84 -17.72 -4.88
N ILE A 298 4.75 -18.26 -6.10
CA ILE A 298 5.30 -19.57 -6.42
C ILE A 298 6.81 -19.40 -6.71
N ARG A 299 7.63 -20.18 -6.00
CA ARG A 299 9.09 -20.07 -6.03
C ARG A 299 9.72 -20.75 -7.26
N HIS A 300 10.91 -20.30 -7.62
CA HIS A 300 11.60 -20.76 -8.81
C HIS A 300 12.46 -22.00 -8.55
N GLU A 301 12.75 -22.71 -9.63
CA GLU A 301 13.54 -23.93 -9.54
C GLU A 301 14.78 -23.79 -10.41
N GLU A 302 15.51 -22.68 -10.30
CA GLU A 302 16.71 -22.48 -11.13
C GLU A 302 18.02 -22.24 -10.40
N ASP A 303 18.97 -23.17 -10.58
CA ASP A 303 20.34 -23.01 -10.11
C ASP A 303 20.50 -22.41 -8.72
P AMP B . 9.13 3.22 1.47
O1P AMP B . 10.53 3.00 1.89
O3P AMP B . 8.97 2.95 -0.04
O5' AMP B . 8.71 4.75 1.81
C5' AMP B . 7.61 5.37 1.17
C4' AMP B . 7.47 6.79 1.70
O4' AMP B . 6.53 7.53 0.95
C3' AMP B . 6.92 6.75 3.11
O3' AMP B . 7.96 6.72 4.04
C2' AMP B . 6.10 8.01 3.19
O2' AMP B . 6.91 9.04 3.66
C1' AMP B . 5.61 8.22 1.77
N9 AMP B . 4.30 7.55 1.78
C8 AMP B . 3.96 6.36 1.15
N7 AMP B . 2.68 6.04 1.46
C5 AMP B . 2.20 7.00 2.30
C6 AMP B . 0.95 7.17 2.89
N6 AMP B . 0.01 6.25 2.67
N1 AMP B . 0.72 8.28 3.70
C2 AMP B . 1.73 9.19 3.90
N3 AMP B . 2.97 9.03 3.30
C4 AMP B . 3.21 7.95 2.50
#